data_8P5L
#
_entry.id   8P5L
#
_cell.length_a   152.600
_cell.length_b   152.600
_cell.length_c   206.140
_cell.angle_alpha   90.000
_cell.angle_beta   90.000
_cell.angle_gamma   120.000
#
_symmetry.space_group_name_H-M   'H 3 2'
#
loop_
_entity.id
_entity.type
_entity.pdbx_description
1 polymer 'Serine/threonine-protein kinase ULK1'
2 non-polymer N-{3-[(5-cyclopropyl-2-{[3-(morpholin-4-ylmethyl)phenyl]amino}pyrimidin-4-yl)amino]propyl}cyclobutanecarboxamide
3 non-polymer 'MAGNESIUM ION'
4 water water
#
_entity_poly.entity_id   1
_entity_poly.type   'polypeptide(L)'
_entity_poly.pdbx_seq_one_letter_code
;SMEPGRGGTETVGKFEFSRKDLIGHGAFAVVFKGRHREKHDLEVAVKCINKKNLAKSQTLLGKEIKILKELKHENIVALY
DFQEMANSVYLVMEYCNGGDLADYLHAMRTLSEDTIRLFLQQIAGAMRLLHSKGIIHRDLKPQNILLSNPAGRRANPNSI
RVKIADFGFARYLQSNMMAA(TPO)LCGSPMYMAPEVIMSQHYDGKADLWSIGTIVYQCLTGKAPFQASSPQDLRLFYEK
NKTLVPTIPAATSAPLRQLLLALLQRNHKDRMDFDEFFHHPFLDASPS
;
_entity_poly.pdbx_strand_id   A,B
#
# COMPACT_ATOMS: atom_id res chain seq x y z
N THR A 9 -1.00 40.49 -1.04
CA THR A 9 0.36 40.13 -0.55
C THR A 9 0.31 39.55 0.86
N GLU A 10 0.27 38.22 0.96
CA GLU A 10 0.37 37.51 2.23
C GLU A 10 1.84 37.33 2.63
N THR A 11 2.05 36.99 3.91
CA THR A 11 3.38 36.82 4.48
C THR A 11 3.48 35.44 5.14
N VAL A 12 4.69 34.88 5.16
CA VAL A 12 5.03 33.64 5.84
C VAL A 12 6.45 33.84 6.32
N GLY A 13 6.64 34.05 7.63
CA GLY A 13 7.99 34.36 8.08
C GLY A 13 8.48 35.62 7.39
N LYS A 14 9.71 35.58 6.90
CA LYS A 14 10.34 36.68 6.23
C LYS A 14 10.15 36.61 4.71
N PHE A 15 9.01 36.04 4.24
CA PHE A 15 8.72 35.87 2.83
C PHE A 15 7.31 36.35 2.61
N GLU A 16 7.00 36.76 1.37
CA GLU A 16 5.66 37.15 0.97
C GLU A 16 5.33 36.55 -0.38
N PHE A 17 4.07 36.54 -0.71
CA PHE A 17 3.64 36.05 -1.99
C PHE A 17 2.26 36.60 -2.25
N SER A 18 1.78 36.43 -3.48
CA SER A 18 0.47 36.85 -3.89
C SER A 18 -0.22 35.69 -4.58
N ARG A 19 -1.52 35.52 -4.27
CA ARG A 19 -2.33 34.48 -4.87
C ARG A 19 -2.74 34.79 -6.31
N LYS A 20 -2.42 35.99 -6.81
CA LYS A 20 -2.51 36.29 -8.24
C LYS A 20 -1.48 35.53 -9.06
N ASP A 21 -0.33 35.21 -8.45
CA ASP A 21 0.80 34.66 -9.21
C ASP A 21 0.92 33.16 -9.01
N LEU A 22 -0.12 32.44 -9.44
CA LEU A 22 -0.16 30.99 -9.44
C LEU A 22 0.84 30.51 -10.48
N ILE A 23 1.75 29.62 -10.10
CA ILE A 23 2.76 29.12 -11.03
C ILE A 23 2.65 27.61 -11.13
N GLY A 24 1.73 27.02 -10.35
CA GLY A 24 1.48 25.60 -10.46
C GLY A 24 0.35 25.15 -9.55
N HIS A 25 -0.28 24.03 -9.93
CA HIS A 25 -1.34 23.48 -9.12
C HIS A 25 -1.46 21.98 -9.40
N GLY A 26 -1.86 21.26 -8.37
CA GLY A 26 -2.26 19.88 -8.48
C GLY A 26 -3.45 19.65 -7.57
N ALA A 27 -3.87 18.40 -7.45
CA ALA A 27 -5.05 18.13 -6.65
C ALA A 27 -4.76 18.46 -5.19
N PHE A 28 -3.49 18.48 -4.78
CA PHE A 28 -3.21 18.56 -3.35
C PHE A 28 -2.31 19.73 -2.98
N ALA A 29 -2.12 20.68 -3.91
CA ALA A 29 -1.30 21.85 -3.65
C ALA A 29 -1.49 22.90 -4.73
N VAL A 30 -1.24 24.14 -4.34
CA VAL A 30 -1.12 25.26 -5.26
C VAL A 30 0.20 25.94 -4.93
N VAL A 31 0.84 26.52 -5.94
CA VAL A 31 2.12 27.17 -5.74
C VAL A 31 2.04 28.60 -6.26
N PHE A 32 2.55 29.56 -5.48
CA PHE A 32 2.57 30.97 -5.86
C PHE A 32 3.98 31.53 -5.84
N LYS A 33 4.26 32.43 -6.79
CA LYS A 33 5.52 33.15 -6.77
C LYS A 33 5.51 34.16 -5.64
N GLY A 34 6.67 34.35 -5.06
CA GLY A 34 6.85 35.27 -3.96
C GLY A 34 8.28 35.70 -3.88
N ARG A 35 8.65 36.29 -2.73
CA ARG A 35 9.98 36.79 -2.54
C ARG A 35 10.21 37.05 -1.05
N HIS A 36 11.46 37.25 -0.74
CA HIS A 36 11.91 37.60 0.59
C HIS A 36 11.48 39.04 0.86
N ARG A 37 10.90 39.28 2.03
CA ARG A 37 10.35 40.58 2.39
C ARG A 37 11.42 41.67 2.50
N GLU A 38 12.69 41.28 2.62
CA GLU A 38 13.80 42.21 2.79
C GLU A 38 14.64 42.27 1.51
N LYS A 39 15.08 41.13 0.95
CA LYS A 39 15.80 41.10 -0.30
C LYS A 39 14.82 40.78 -1.43
N HIS A 40 14.17 41.82 -1.99
CA HIS A 40 13.04 41.62 -2.89
C HIS A 40 13.39 40.86 -4.16
N ASP A 41 14.67 40.83 -4.50
CA ASP A 41 15.18 40.15 -5.67
C ASP A 41 15.41 38.65 -5.40
N LEU A 42 15.31 38.17 -4.15
CA LEU A 42 15.37 36.71 -3.90
C LEU A 42 13.97 36.13 -4.05
N GLU A 43 13.72 35.45 -5.18
CA GLU A 43 12.39 34.96 -5.48
C GLU A 43 12.23 33.57 -4.86
N VAL A 44 11.00 33.22 -4.53
CA VAL A 44 10.67 31.94 -3.94
C VAL A 44 9.40 31.50 -4.54
N ALA A 45 9.11 30.20 -4.34
CA ALA A 45 7.86 29.56 -4.63
C ALA A 45 7.21 29.14 -3.32
N VAL A 46 5.98 29.56 -3.10
CA VAL A 46 5.29 29.25 -1.86
C VAL A 46 4.18 28.25 -2.14
N LYS A 47 4.34 27.05 -1.54
CA LYS A 47 3.38 25.99 -1.74
C LYS A 47 2.37 25.97 -0.60
N CYS A 48 1.10 25.90 -0.97
CA CYS A 48 -0.03 26.02 -0.05
C CYS A 48 -0.99 24.88 -0.29
N ILE A 49 -1.90 24.73 0.68
CA ILE A 49 -2.97 23.75 0.64
C ILE A 49 -3.84 23.99 -0.58
N ASN A 50 -4.35 22.93 -1.20
CA ASN A 50 -5.44 23.09 -2.13
C ASN A 50 -6.72 22.80 -1.35
N LYS A 51 -7.62 23.78 -1.27
CA LYS A 51 -8.76 23.70 -0.35
C LYS A 51 -9.88 22.79 -0.87
N LYS A 52 -9.82 22.35 -2.14
CA LYS A 52 -10.72 21.33 -2.64
C LYS A 52 -10.41 19.93 -2.11
N ASN A 53 -9.27 19.75 -1.41
CA ASN A 53 -8.94 18.50 -0.75
C ASN A 53 -8.17 18.78 0.55
N LEU A 54 -8.81 19.52 1.44
CA LEU A 54 -8.09 20.18 2.52
C LEU A 54 -7.28 19.16 3.31
N ALA A 55 -7.88 18.04 3.72
CA ALA A 55 -7.27 17.20 4.75
C ALA A 55 -6.09 16.44 4.14
N LYS A 56 -6.26 15.93 2.93
CA LYS A 56 -5.17 15.19 2.30
C LYS A 56 -4.05 16.17 1.89
N SER A 57 -4.42 17.35 1.36
CA SER A 57 -3.44 18.36 1.02
CA SER A 57 -3.46 18.41 1.04
C SER A 57 -2.57 18.67 2.23
N GLN A 58 -3.21 18.93 3.36
CA GLN A 58 -2.50 19.27 4.57
C GLN A 58 -1.53 18.13 4.94
N THR A 59 -1.98 16.88 4.87
CA THR A 59 -1.15 15.72 5.20
C THR A 59 0.11 15.68 4.32
N LEU A 60 -0.11 15.87 3.02
CA LEU A 60 0.95 15.70 2.04
C LEU A 60 1.99 16.80 2.16
N LEU A 61 1.55 18.04 2.43
CA LEU A 61 2.50 19.12 2.62
C LEU A 61 3.36 18.87 3.85
N GLY A 62 2.71 18.41 4.92
CA GLY A 62 3.41 17.97 6.12
C GLY A 62 4.51 16.90 5.84
N LYS A 63 4.16 15.92 5.01
CA LYS A 63 5.10 14.84 4.67
C LYS A 63 6.28 15.41 3.90
N GLU A 64 5.97 16.29 2.93
CA GLU A 64 7.00 16.89 2.12
C GLU A 64 8.00 17.66 2.97
N ILE A 65 7.51 18.39 4.01
CA ILE A 65 8.45 19.09 4.85
C ILE A 65 9.42 18.08 5.48
N LYS A 66 8.87 17.00 6.03
CA LYS A 66 9.72 16.03 6.76
C LYS A 66 10.79 15.44 5.83
N ILE A 67 10.46 15.18 4.57
CA ILE A 67 11.46 14.63 3.64
C ILE A 67 12.47 15.69 3.22
N LEU A 68 11.95 16.83 2.73
CA LEU A 68 12.79 17.81 2.03
C LEU A 68 13.73 18.47 2.99
N LYS A 69 13.33 18.55 4.25
CA LYS A 69 14.25 19.12 5.21
C LYS A 69 15.48 18.24 5.39
N GLU A 70 15.48 16.96 4.98
CA GLU A 70 16.68 16.15 5.02
C GLU A 70 17.49 16.11 3.73
N LEU A 71 17.08 16.84 2.68
CA LEU A 71 17.72 16.67 1.38
C LEU A 71 18.28 18.00 0.91
N LYS A 72 19.59 18.13 0.84
CA LYS A 72 20.21 19.36 0.35
C LYS A 72 21.07 18.97 -0.82
N HIS A 73 20.66 19.36 -2.01
CA HIS A 73 21.36 18.96 -3.20
C HIS A 73 21.04 19.96 -4.32
N GLU A 74 22.04 20.25 -5.14
CA GLU A 74 21.82 21.23 -6.19
C GLU A 74 20.78 20.77 -7.22
N ASN A 75 20.48 19.45 -7.26
CA ASN A 75 19.48 18.98 -8.20
C ASN A 75 18.19 18.55 -7.52
N ILE A 76 17.92 19.07 -6.29
CA ILE A 76 16.65 18.94 -5.59
C ILE A 76 16.20 20.34 -5.17
N VAL A 77 14.96 20.71 -5.42
CA VAL A 77 14.49 22.04 -5.08
CA VAL A 77 14.48 22.03 -5.07
C VAL A 77 14.69 22.28 -3.58
N ALA A 78 15.32 23.40 -3.26
CA ALA A 78 15.64 23.73 -1.87
C ALA A 78 14.39 24.14 -1.08
N LEU A 79 14.32 23.73 0.20
CA LEU A 79 13.32 24.20 1.15
C LEU A 79 13.95 25.30 1.99
N TYR A 80 13.55 26.55 1.77
CA TYR A 80 14.19 27.64 2.50
C TYR A 80 13.55 27.75 3.90
N ASP A 81 12.23 27.58 3.95
CA ASP A 81 11.50 27.70 5.19
C ASP A 81 10.16 27.01 5.03
N PHE A 82 9.44 26.88 6.15
CA PHE A 82 8.13 26.30 6.16
C PHE A 82 7.46 26.80 7.43
N GLN A 83 6.15 26.66 7.45
CA GLN A 83 5.38 26.96 8.64
C GLN A 83 4.21 25.99 8.71
N GLU A 84 4.26 25.12 9.74
CA GLU A 84 3.24 24.12 9.92
C GLU A 84 2.49 24.42 11.24
N MET A 85 1.16 24.46 11.17
CA MET A 85 0.34 24.71 12.34
C MET A 85 -0.83 23.74 12.33
N ALA A 86 -1.73 23.77 13.33
CA ALA A 86 -2.80 22.76 13.34
C ALA A 86 -3.69 22.85 12.12
N ASN A 87 -3.95 24.07 11.65
CA ASN A 87 -4.94 24.27 10.60
C ASN A 87 -4.36 24.86 9.32
N SER A 88 -3.04 24.94 9.21
CA SER A 88 -2.45 25.54 8.03
C SER A 88 -1.02 25.06 7.85
N VAL A 89 -0.56 25.06 6.59
CA VAL A 89 0.78 24.59 6.22
CA VAL A 89 0.81 24.67 6.28
C VAL A 89 1.24 25.34 4.97
N TYR A 90 2.48 25.84 4.99
CA TYR A 90 3.15 26.52 3.90
C TYR A 90 4.56 25.97 3.77
N LEU A 91 5.03 25.80 2.52
CA LEU A 91 6.42 25.57 2.27
C LEU A 91 6.95 26.71 1.42
N VAL A 92 8.14 27.20 1.79
CA VAL A 92 8.84 28.23 1.04
C VAL A 92 10.06 27.61 0.38
N MET A 93 9.96 27.49 -0.96
CA MET A 93 10.96 26.80 -1.74
C MET A 93 11.63 27.71 -2.78
N GLU A 94 12.80 27.24 -3.20
CA GLU A 94 13.51 27.73 -4.36
C GLU A 94 12.57 27.94 -5.54
N TYR A 95 12.69 29.13 -6.15
CA TYR A 95 12.01 29.44 -7.41
C TYR A 95 12.94 29.10 -8.59
N CYS A 96 12.45 28.28 -9.49
CA CYS A 96 13.19 27.87 -10.68
C CYS A 96 12.64 28.68 -11.88
N ASN A 97 13.48 29.54 -12.44
CA ASN A 97 12.99 30.56 -13.37
C ASN A 97 12.62 29.99 -14.75
N GLY A 98 12.98 28.72 -15.03
CA GLY A 98 12.66 28.06 -16.30
C GLY A 98 11.36 27.25 -16.34
N GLY A 99 10.67 27.15 -15.22
CA GLY A 99 9.43 26.43 -15.17
C GLY A 99 9.73 24.92 -15.29
N ASP A 100 8.70 24.15 -15.58
CA ASP A 100 8.81 22.71 -15.53
C ASP A 100 9.18 22.08 -16.88
N LEU A 101 9.61 20.82 -16.82
CA LEU A 101 10.03 20.14 -18.04
C LEU A 101 8.80 19.88 -18.91
N ALA A 102 7.64 19.71 -18.32
CA ALA A 102 6.47 19.41 -19.14
C ALA A 102 6.21 20.54 -20.13
N ASP A 103 6.26 21.79 -19.68
CA ASP A 103 6.01 22.93 -20.58
C ASP A 103 7.16 23.10 -21.54
N TYR A 104 8.40 22.83 -21.12
CA TYR A 104 9.55 22.92 -22.00
C TYR A 104 9.42 21.93 -23.15
N LEU A 105 8.94 20.71 -22.86
CA LEU A 105 8.84 19.69 -23.89
CA LEU A 105 8.81 19.68 -23.88
C LEU A 105 7.70 20.04 -24.85
N HIS A 106 6.64 20.61 -24.31
CA HIS A 106 5.47 20.99 -25.07
C HIS A 106 5.91 22.01 -26.14
N ALA A 107 6.84 22.91 -25.79
CA ALA A 107 7.38 23.90 -26.71
C ALA A 107 8.37 23.28 -27.68
N MET A 108 9.33 22.52 -27.15
CA MET A 108 10.47 22.04 -27.92
C MET A 108 10.10 20.81 -28.78
N ARG A 109 9.02 20.12 -28.40
CA ARG A 109 8.50 18.87 -28.96
C ARG A 109 9.41 17.69 -28.61
N THR A 110 10.71 17.80 -28.91
CA THR A 110 11.65 16.76 -28.53
C THR A 110 12.95 17.45 -28.22
N LEU A 111 13.81 16.76 -27.46
CA LEU A 111 15.10 17.26 -27.09
C LEU A 111 16.18 16.43 -27.77
N SER A 112 17.29 17.09 -28.03
CA SER A 112 18.47 16.43 -28.56
C SER A 112 19.03 15.43 -27.54
N GLU A 113 19.82 14.47 -28.03
CA GLU A 113 20.42 13.51 -27.12
C GLU A 113 21.40 14.23 -26.19
N ASP A 114 22.14 15.22 -26.71
CA ASP A 114 23.08 15.94 -25.85
C ASP A 114 22.33 16.60 -24.67
N THR A 115 21.17 17.19 -24.93
CA THR A 115 20.45 17.86 -23.86
CA THR A 115 20.37 17.86 -23.90
C THR A 115 19.85 16.83 -22.90
N ILE A 116 19.33 15.70 -23.44
CA ILE A 116 18.84 14.59 -22.61
C ILE A 116 19.95 14.15 -21.68
N ARG A 117 21.17 14.02 -22.20
CA ARG A 117 22.28 13.56 -21.39
C ARG A 117 22.51 14.56 -20.26
N LEU A 118 22.50 15.86 -20.57
CA LEU A 118 22.83 16.84 -19.55
C LEU A 118 21.78 16.85 -18.45
N PHE A 119 20.51 16.74 -18.85
CA PHE A 119 19.42 16.72 -17.93
C PHE A 119 19.45 15.45 -17.10
N LEU A 120 19.73 14.32 -17.74
CA LEU A 120 19.65 13.05 -17.03
C LEU A 120 20.82 12.89 -16.07
N GLN A 121 21.98 13.46 -16.40
CA GLN A 121 23.12 13.43 -15.49
C GLN A 121 22.75 14.07 -14.16
N GLN A 122 21.98 15.16 -14.20
CA GLN A 122 21.55 15.88 -13.01
C GLN A 122 20.47 15.12 -12.23
N ILE A 123 19.47 14.57 -12.93
CA ILE A 123 18.49 13.70 -12.34
C ILE A 123 19.16 12.51 -11.63
N ALA A 124 20.18 11.94 -12.27
CA ALA A 124 20.94 10.83 -11.69
C ALA A 124 21.66 11.26 -10.42
N GLY A 125 22.24 12.48 -10.41
CA GLY A 125 22.86 13.04 -9.20
C GLY A 125 21.88 13.13 -8.04
N ALA A 126 20.65 13.62 -8.30
CA ALA A 126 19.63 13.72 -7.28
C ALA A 126 19.26 12.31 -6.78
N MET A 127 19.09 11.37 -7.72
CA MET A 127 18.70 10.00 -7.39
C MET A 127 19.78 9.29 -6.58
N ARG A 128 21.05 9.60 -6.82
CA ARG A 128 22.14 9.08 -5.99
CA ARG A 128 22.12 9.03 -5.98
C ARG A 128 21.92 9.42 -4.51
N LEU A 129 21.57 10.69 -4.24
CA LEU A 129 21.29 11.06 -2.88
C LEU A 129 20.06 10.34 -2.30
N LEU A 130 18.94 10.34 -3.01
CA LEU A 130 17.72 9.70 -2.55
CA LEU A 130 17.74 9.71 -2.51
C LEU A 130 18.03 8.25 -2.21
N HIS A 131 18.74 7.58 -3.13
CA HIS A 131 19.03 6.15 -2.95
C HIS A 131 19.95 5.95 -1.72
N SER A 132 21.00 6.75 -1.54
CA SER A 132 21.83 6.67 -0.33
C SER A 132 21.07 6.95 0.97
N LYS A 133 20.06 7.81 0.92
CA LYS A 133 19.27 8.12 2.11
C LYS A 133 18.14 7.12 2.34
N GLY A 134 17.85 6.25 1.34
CA GLY A 134 16.79 5.26 1.41
C GLY A 134 15.41 5.86 1.25
N ILE A 135 15.35 6.89 0.39
CA ILE A 135 14.10 7.55 0.07
C ILE A 135 13.72 7.25 -1.37
N ILE A 136 12.41 7.01 -1.57
CA ILE A 136 11.83 6.84 -2.90
C ILE A 136 10.86 8.02 -3.12
N HIS A 137 10.83 8.55 -4.34
CA HIS A 137 10.08 9.77 -4.65
C HIS A 137 8.60 9.48 -4.97
N ARG A 138 8.36 8.58 -5.95
CA ARG A 138 7.08 7.98 -6.32
C ARG A 138 6.19 8.89 -7.19
N ASP A 139 6.62 10.08 -7.55
CA ASP A 139 5.81 10.87 -8.49
C ASP A 139 6.70 11.61 -9.48
N LEU A 140 7.71 10.92 -10.03
CA LEU A 140 8.57 11.54 -11.02
C LEU A 140 7.82 11.61 -12.35
N LYS A 141 7.79 12.83 -12.89
CA LYS A 141 7.16 13.10 -14.17
C LYS A 141 7.60 14.50 -14.59
N PRO A 142 7.47 14.85 -15.89
CA PRO A 142 7.99 16.13 -16.35
C PRO A 142 7.40 17.33 -15.58
N GLN A 143 6.14 17.24 -15.14
CA GLN A 143 5.49 18.29 -14.34
C GLN A 143 6.26 18.59 -13.05
N ASN A 144 7.05 17.64 -12.54
CA ASN A 144 7.72 17.73 -11.26
C ASN A 144 9.22 17.88 -11.43
N ILE A 145 9.68 18.09 -12.67
CA ILE A 145 11.08 18.35 -12.90
C ILE A 145 11.20 19.84 -13.28
N LEU A 146 12.03 20.60 -12.56
CA LEU A 146 12.13 22.05 -12.79
CA LEU A 146 12.15 22.05 -12.76
C LEU A 146 13.44 22.41 -13.45
N LEU A 147 13.39 23.53 -14.20
CA LEU A 147 14.57 24.05 -14.87
CA LEU A 147 14.55 24.07 -14.90
C LEU A 147 14.88 25.46 -14.35
N SER A 148 16.16 25.76 -14.27
CA SER A 148 16.68 27.03 -13.85
C SER A 148 17.87 27.43 -14.73
N ASN A 149 17.83 28.67 -15.21
CA ASN A 149 18.88 29.25 -16.04
C ASN A 149 19.73 30.17 -15.17
N PRO A 150 21.07 30.22 -15.28
CA PRO A 150 21.90 30.86 -14.24
C PRO A 150 21.75 32.40 -14.08
N ALA A 155 20.77 31.73 -22.01
CA ALA A 155 21.95 30.83 -22.12
C ALA A 155 21.51 29.40 -22.47
N ASN A 156 22.50 28.52 -22.65
CA ASN A 156 22.44 27.35 -23.52
C ASN A 156 21.96 26.10 -22.77
N PRO A 157 21.72 24.96 -23.48
CA PRO A 157 21.48 23.66 -22.85
C PRO A 157 22.44 23.27 -21.73
N ASN A 158 23.74 23.56 -21.93
CA ASN A 158 24.78 23.11 -21.01
C ASN A 158 24.77 23.92 -19.72
N SER A 159 23.93 24.97 -19.65
CA SER A 159 23.88 25.74 -18.43
C SER A 159 22.56 25.57 -17.67
N ILE A 160 21.55 24.89 -18.25
CA ILE A 160 20.26 24.68 -17.57
C ILE A 160 20.50 23.67 -16.43
N ARG A 161 20.10 24.08 -15.23
CA ARG A 161 20.16 23.25 -14.03
C ARG A 161 18.77 22.64 -13.84
N VAL A 162 18.75 21.32 -13.58
CA VAL A 162 17.46 20.70 -13.39
CA VAL A 162 17.54 20.57 -13.42
C VAL A 162 17.37 20.24 -11.94
N LYS A 163 16.14 20.34 -11.40
CA LYS A 163 15.86 20.01 -10.03
C LYS A 163 14.59 19.20 -9.96
N ILE A 164 14.68 18.11 -9.20
CA ILE A 164 13.50 17.36 -8.82
C ILE A 164 12.70 18.08 -7.74
N ALA A 165 11.36 18.08 -7.94
CA ALA A 165 10.42 18.71 -7.02
C ALA A 165 9.27 17.78 -6.65
N ASP A 166 8.42 18.24 -5.69
CA ASP A 166 7.16 17.62 -5.30
C ASP A 166 7.37 16.25 -4.63
N PHE A 167 7.82 16.32 -3.38
CA PHE A 167 8.11 15.17 -2.54
C PHE A 167 6.94 14.79 -1.64
N GLY A 168 5.70 15.16 -1.97
CA GLY A 168 4.57 14.84 -1.10
C GLY A 168 4.22 13.35 -1.02
N PHE A 169 4.60 12.57 -2.03
CA PHE A 169 4.37 11.14 -1.97
CA PHE A 169 4.37 11.13 -2.00
C PHE A 169 5.61 10.35 -1.56
N ALA A 170 6.71 11.04 -1.28
CA ALA A 170 8.00 10.38 -1.07
C ALA A 170 7.96 9.69 0.30
N ARG A 171 8.71 8.59 0.43
CA ARG A 171 8.80 7.94 1.74
C ARG A 171 10.17 7.30 1.90
N TYR A 172 10.55 7.09 3.17
CA TYR A 172 11.65 6.20 3.48
C TYR A 172 11.20 4.78 3.22
N LEU A 173 12.08 4.01 2.58
CA LEU A 173 11.88 2.60 2.41
C LEU A 173 13.17 1.84 2.77
N GLN A 174 13.07 1.09 3.86
CA GLN A 174 14.20 0.30 4.33
C GLN A 174 14.61 -0.70 3.24
N SER A 175 15.92 -0.95 3.15
CA SER A 175 16.48 -1.60 1.99
C SER A 175 15.96 -3.04 1.87
N ASN A 176 15.46 -3.64 2.92
CA ASN A 176 14.98 -5.02 2.82
C ASN A 176 13.45 -5.09 2.77
N MET A 177 12.79 -3.95 2.58
CA MET A 177 11.33 -3.88 2.63
CA MET A 177 11.32 -3.89 2.62
C MET A 177 10.80 -3.46 1.26
N MET A 178 9.48 -3.61 1.07
CA MET A 178 8.78 -3.18 -0.14
CA MET A 178 8.82 -3.14 -0.13
C MET A 178 7.64 -2.26 0.26
N ALA A 179 7.29 -1.34 -0.63
CA ALA A 179 6.17 -0.45 -0.47
C ALA A 179 4.96 -1.03 -1.21
N ALA A 180 3.77 -0.55 -0.83
CA ALA A 180 2.56 -1.05 -1.48
C ALA A 180 1.55 0.07 -1.68
N LEU A 182 -0.62 2.68 -3.39
CA LEU A 182 -0.92 3.11 -4.76
C LEU A 182 -0.90 4.63 -4.79
N CYS A 183 0.17 5.21 -5.33
CA CYS A 183 0.22 6.66 -5.52
C CYS A 183 1.10 6.97 -6.73
N GLY A 184 1.01 8.21 -7.22
CA GLY A 184 1.78 8.66 -8.35
C GLY A 184 0.89 9.04 -9.53
N SER A 185 1.49 9.15 -10.70
CA SER A 185 0.79 9.55 -11.92
C SER A 185 0.76 8.36 -12.86
N PRO A 186 -0.44 7.80 -13.16
CA PRO A 186 -0.54 6.51 -13.87
C PRO A 186 0.32 6.37 -15.13
N MET A 187 0.42 7.44 -15.94
CA MET A 187 1.18 7.31 -17.18
CA MET A 187 1.17 7.33 -17.16
C MET A 187 2.66 7.18 -16.86
N TYR A 188 3.12 7.43 -15.61
CA TYR A 188 4.54 7.35 -15.27
C TYR A 188 4.81 6.25 -14.23
N MET A 189 3.76 5.64 -13.70
CA MET A 189 3.88 4.59 -12.70
C MET A 189 4.51 3.33 -13.30
N ALA A 190 5.45 2.73 -12.58
CA ALA A 190 5.93 1.42 -12.99
C ALA A 190 4.76 0.43 -13.02
N PRO A 191 4.85 -0.61 -13.86
CA PRO A 191 3.76 -1.59 -13.93
C PRO A 191 3.39 -2.20 -12.56
N GLU A 192 4.38 -2.58 -11.74
CA GLU A 192 4.09 -3.15 -10.42
C GLU A 192 3.29 -2.19 -9.55
N VAL A 193 3.50 -0.87 -9.65
CA VAL A 193 2.73 0.08 -8.89
C VAL A 193 1.27 0.05 -9.37
N ILE A 194 1.06 0.24 -10.66
CA ILE A 194 -0.31 0.45 -11.14
C ILE A 194 -1.11 -0.86 -11.05
N MET A 195 -0.43 -1.99 -11.00
CA MET A 195 -1.09 -3.28 -10.82
C MET A 195 -1.25 -3.67 -9.37
N SER A 196 -1.10 -2.71 -8.43
CA SER A 196 -1.32 -2.92 -7.01
C SER A 196 -0.43 -4.03 -6.44
N GLN A 197 0.83 -4.12 -6.87
CA GLN A 197 1.79 -5.06 -6.32
C GLN A 197 2.81 -4.33 -5.45
N HIS A 198 3.62 -5.11 -4.73
CA HIS A 198 4.72 -4.52 -3.99
C HIS A 198 5.77 -3.94 -4.95
N TYR A 199 6.51 -2.94 -4.48
CA TYR A 199 7.53 -2.30 -5.27
C TYR A 199 8.59 -1.70 -4.36
N ASP A 200 9.66 -1.25 -5.00
CA ASP A 200 10.82 -0.74 -4.31
C ASP A 200 11.32 0.47 -5.11
N GLY A 201 12.56 0.88 -4.86
CA GLY A 201 13.09 2.08 -5.47
C GLY A 201 13.30 1.92 -6.98
N LYS A 202 13.22 0.71 -7.53
CA LYS A 202 13.28 0.62 -8.99
C LYS A 202 12.04 1.09 -9.72
N ALA A 203 10.96 1.28 -9.00
CA ALA A 203 9.79 1.90 -9.58
C ALA A 203 10.10 3.30 -10.10
N ASP A 204 10.87 4.10 -9.35
CA ASP A 204 11.30 5.41 -9.83
C ASP A 204 12.13 5.32 -11.12
N LEU A 205 12.89 4.24 -11.34
CA LEU A 205 13.71 4.13 -12.54
C LEU A 205 12.81 3.95 -13.78
N TRP A 206 11.68 3.25 -13.64
CA TRP A 206 10.71 3.17 -14.74
C TRP A 206 10.18 4.55 -15.10
N SER A 207 9.88 5.32 -14.05
CA SER A 207 9.35 6.66 -14.30
C SER A 207 10.39 7.47 -15.07
N ILE A 208 11.64 7.39 -14.64
CA ILE A 208 12.71 8.11 -15.28
C ILE A 208 12.89 7.64 -16.73
N GLY A 209 12.89 6.33 -16.96
CA GLY A 209 12.88 5.85 -18.36
C GLY A 209 11.76 6.44 -19.22
N THR A 210 10.58 6.55 -18.64
CA THR A 210 9.44 7.11 -19.34
C THR A 210 9.66 8.59 -19.73
N ILE A 211 10.19 9.37 -18.78
CA ILE A 211 10.56 10.76 -19.02
C ILE A 211 11.58 10.87 -20.14
N VAL A 212 12.65 10.05 -20.07
CA VAL A 212 13.68 10.09 -21.07
C VAL A 212 13.09 9.75 -22.46
N TYR A 213 12.28 8.69 -22.53
CA TYR A 213 11.65 8.29 -23.78
C TYR A 213 10.79 9.44 -24.36
N GLN A 214 10.02 10.07 -23.48
CA GLN A 214 9.19 11.23 -23.87
C GLN A 214 10.03 12.41 -24.37
N CYS A 215 11.16 12.69 -23.72
CA CYS A 215 12.08 13.73 -24.18
C CYS A 215 12.60 13.39 -25.60
N LEU A 216 12.95 12.13 -25.82
CA LEU A 216 13.51 11.70 -27.10
C LEU A 216 12.51 11.73 -28.24
N THR A 217 11.26 11.29 -28.03
CA THR A 217 10.34 10.97 -29.11
C THR A 217 9.16 11.93 -29.13
N GLY A 218 8.92 12.62 -28.02
CA GLY A 218 7.73 13.43 -27.86
C GLY A 218 6.49 12.62 -27.50
N LYS A 219 6.63 11.32 -27.23
CA LYS A 219 5.45 10.54 -26.91
C LYS A 219 5.73 9.56 -25.78
N ALA A 220 4.64 8.96 -25.29
CA ALA A 220 4.68 7.96 -24.24
C ALA A 220 5.19 6.65 -24.84
N PRO A 221 5.99 5.84 -24.14
CA PRO A 221 6.43 4.57 -24.70
C PRO A 221 5.31 3.54 -24.87
N PHE A 222 4.28 3.62 -24.05
CA PHE A 222 3.13 2.72 -24.13
C PHE A 222 1.86 3.57 -24.08
N GLN A 223 1.24 3.72 -25.25
CA GLN A 223 0.08 4.57 -25.46
C GLN A 223 -1.12 3.94 -24.78
N ALA A 224 -1.91 4.72 -24.05
CA ALA A 224 -3.18 4.19 -23.58
C ALA A 224 -4.18 5.34 -23.50
N SER A 225 -5.46 4.99 -23.62
CA SER A 225 -6.54 5.96 -23.63
C SER A 225 -7.00 6.31 -22.22
N SER A 226 -6.58 5.54 -21.20
CA SER A 226 -6.91 5.84 -19.81
C SER A 226 -5.99 5.06 -18.88
N PRO A 227 -5.94 5.42 -17.57
CA PRO A 227 -5.24 4.62 -16.56
C PRO A 227 -5.64 3.16 -16.53
N GLN A 228 -6.94 2.86 -16.58
CA GLN A 228 -7.39 1.47 -16.53
C GLN A 228 -6.94 0.74 -17.79
N ASP A 229 -6.96 1.43 -18.94
CA ASP A 229 -6.49 0.84 -20.18
C ASP A 229 -4.99 0.50 -20.09
N LEU A 230 -4.20 1.38 -19.44
CA LEU A 230 -2.77 1.14 -19.35
C LEU A 230 -2.54 -0.06 -18.44
N ARG A 231 -3.25 -0.13 -17.32
CA ARG A 231 -3.09 -1.26 -16.43
C ARG A 231 -3.43 -2.56 -17.16
N LEU A 232 -4.52 -2.56 -17.95
CA LEU A 232 -4.91 -3.81 -18.62
C LEU A 232 -3.83 -4.21 -19.61
N PHE A 233 -3.25 -3.19 -20.28
CA PHE A 233 -2.15 -3.43 -21.21
C PHE A 233 -0.97 -4.08 -20.47
N TYR A 234 -0.61 -3.57 -19.29
CA TYR A 234 0.52 -4.16 -18.59
C TYR A 234 0.22 -5.60 -18.12
N GLU A 235 -1.00 -5.82 -17.59
CA GLU A 235 -1.44 -7.13 -17.11
C GLU A 235 -1.38 -8.18 -18.22
N LYS A 236 -1.82 -7.79 -19.42
CA LYS A 236 -1.93 -8.72 -20.54
C LYS A 236 -0.60 -8.93 -21.26
N ASN A 237 0.33 -7.98 -21.20
CA ASN A 237 1.60 -8.14 -21.89
C ASN A 237 2.73 -8.44 -20.92
N LYS A 238 3.19 -9.69 -20.91
CA LYS A 238 4.17 -10.15 -19.94
C LYS A 238 5.58 -9.62 -20.27
N THR A 239 5.77 -9.17 -21.51
CA THR A 239 7.02 -8.55 -21.96
C THR A 239 6.67 -7.16 -22.49
N LEU A 240 7.45 -6.13 -22.13
CA LEU A 240 7.17 -4.77 -22.58
C LEU A 240 8.41 -4.27 -23.30
N VAL A 241 8.27 -3.97 -24.58
CA VAL A 241 9.42 -3.58 -25.35
C VAL A 241 9.03 -2.27 -26.02
N PRO A 242 9.60 -1.13 -25.65
CA PRO A 242 9.27 0.13 -26.33
C PRO A 242 9.87 0.14 -27.73
N THR A 243 9.23 0.86 -28.65
CA THR A 243 9.78 1.16 -29.95
C THR A 243 10.87 2.23 -29.83
N ILE A 244 12.06 1.96 -30.36
CA ILE A 244 13.17 2.87 -30.32
C ILE A 244 13.43 3.39 -31.73
N PRO A 245 13.39 4.70 -31.98
CA PRO A 245 13.70 5.20 -33.32
C PRO A 245 15.08 4.78 -33.81
N ALA A 246 15.19 4.59 -35.13
CA ALA A 246 16.43 4.22 -35.77
C ALA A 246 17.54 5.24 -35.58
N ALA A 247 17.21 6.52 -35.41
CA ALA A 247 18.23 7.55 -35.21
C ALA A 247 18.89 7.49 -33.83
N THR A 248 18.37 6.65 -32.90
CA THR A 248 18.81 6.68 -31.51
C THR A 248 20.21 6.14 -31.40
N SER A 249 21.06 6.81 -30.64
CA SER A 249 22.40 6.29 -30.39
C SER A 249 22.35 4.94 -29.68
N ALA A 250 23.40 4.13 -29.83
CA ALA A 250 23.35 2.77 -29.29
C ALA A 250 23.32 2.83 -27.75
N PRO A 251 24.06 3.73 -27.07
CA PRO A 251 24.00 3.82 -25.61
C PRO A 251 22.61 4.25 -25.15
N LEU A 252 21.96 5.21 -25.82
CA LEU A 252 20.64 5.64 -25.36
C LEU A 252 19.61 4.53 -25.59
N ARG A 253 19.75 3.77 -26.69
CA ARG A 253 18.88 2.63 -26.94
CA ARG A 253 18.84 2.65 -26.92
C ARG A 253 18.98 1.65 -25.76
N GLN A 254 20.22 1.31 -25.42
CA GLN A 254 20.43 0.30 -24.40
C GLN A 254 19.84 0.74 -23.03
N LEU A 255 20.09 1.99 -22.69
CA LEU A 255 19.60 2.59 -21.45
C LEU A 255 18.09 2.54 -21.40
N LEU A 256 17.40 2.98 -22.47
CA LEU A 256 15.96 2.95 -22.48
C LEU A 256 15.44 1.51 -22.36
N LEU A 257 16.03 0.56 -23.09
CA LEU A 257 15.57 -0.84 -22.98
C LEU A 257 15.83 -1.38 -21.59
N ALA A 258 16.89 -0.94 -20.92
CA ALA A 258 17.19 -1.38 -19.57
C ALA A 258 16.22 -0.82 -18.52
N LEU A 259 15.86 0.48 -18.60
CA LEU A 259 14.93 1.08 -17.64
C LEU A 259 13.50 0.63 -17.89
N LEU A 260 13.08 0.52 -19.15
CA LEU A 260 11.68 0.21 -19.44
C LEU A 260 11.48 -1.31 -19.58
N GLN A 261 11.79 -2.03 -18.49
CA GLN A 261 11.50 -3.45 -18.33
C GLN A 261 10.35 -3.62 -17.35
N ARG A 262 9.42 -4.49 -17.72
CA ARG A 262 8.15 -4.62 -17.04
C ARG A 262 8.36 -5.07 -15.61
N ASN A 263 9.24 -6.03 -15.42
CA ASN A 263 9.38 -6.71 -14.13
C ASN A 263 10.54 -6.12 -13.36
N HIS A 264 10.26 -5.69 -12.11
CA HIS A 264 11.25 -4.94 -11.39
C HIS A 264 12.51 -5.74 -11.16
N LYS A 265 12.41 -7.06 -11.00
CA LYS A 265 13.64 -7.82 -10.76
C LYS A 265 14.57 -7.77 -11.98
N ASP A 266 13.99 -7.67 -13.16
CA ASP A 266 14.79 -7.59 -14.37
C ASP A 266 15.31 -6.16 -14.66
N ARG A 267 14.58 -5.16 -14.16
CA ARG A 267 14.87 -3.75 -14.51
C ARG A 267 16.28 -3.36 -14.07
N MET A 268 16.91 -2.46 -14.80
CA MET A 268 18.15 -1.81 -14.44
C MET A 268 18.12 -1.43 -12.95
N ASP A 269 19.24 -1.60 -12.27
CA ASP A 269 19.29 -1.19 -10.88
C ASP A 269 20.08 0.11 -10.78
N PHE A 270 20.14 0.68 -9.56
CA PHE A 270 20.67 2.03 -9.40
C PHE A 270 22.13 2.13 -9.85
N ASP A 271 22.93 1.11 -9.48
CA ASP A 271 24.37 1.09 -9.78
C ASP A 271 24.60 1.06 -11.30
N GLU A 272 23.78 0.28 -12.03
CA GLU A 272 23.82 0.21 -13.48
C GLU A 272 23.46 1.55 -14.10
N PHE A 273 22.41 2.17 -13.57
CA PHE A 273 21.95 3.46 -14.08
C PHE A 273 23.00 4.53 -13.90
N PHE A 274 23.55 4.64 -12.66
CA PHE A 274 24.47 5.72 -12.35
C PHE A 274 25.74 5.60 -13.21
N HIS A 275 26.11 4.37 -13.59
CA HIS A 275 27.35 4.15 -14.30
C HIS A 275 27.11 3.89 -15.78
N HIS A 276 25.90 4.12 -16.30
CA HIS A 276 25.64 3.74 -17.67
C HIS A 276 26.44 4.61 -18.63
N PRO A 277 27.02 4.03 -19.72
CA PRO A 277 27.86 4.82 -20.62
C PRO A 277 27.16 6.04 -21.21
N PHE A 278 25.85 6.01 -21.36
CA PHE A 278 25.16 7.18 -21.92
C PHE A 278 25.44 8.44 -21.10
N LEU A 279 25.59 8.28 -19.79
CA LEU A 279 25.80 9.42 -18.90
C LEU A 279 27.23 9.92 -18.89
N ASP A 280 28.18 9.27 -19.55
CA ASP A 280 29.56 9.77 -19.53
C ASP A 280 29.69 11.14 -20.22
N ALA A 281 30.51 12.04 -19.64
CA ALA A 281 30.78 13.34 -20.22
C ALA A 281 31.96 13.23 -21.18
N THR B 9 5.66 -40.05 6.75
CA THR B 9 5.84 -39.32 8.04
C THR B 9 7.04 -38.39 7.93
N GLU B 10 6.83 -37.08 8.19
CA GLU B 10 7.92 -36.14 8.39
C GLU B 10 7.90 -35.62 9.83
N THR B 11 9.04 -35.09 10.29
CA THR B 11 9.20 -34.60 11.64
C THR B 11 9.58 -33.12 11.63
N VAL B 12 9.19 -32.42 12.69
CA VAL B 12 9.58 -31.05 12.93
C VAL B 12 9.70 -30.94 14.44
N GLY B 13 10.93 -30.92 14.94
CA GLY B 13 11.15 -30.96 16.39
C GLY B 13 10.42 -32.16 16.99
N LYS B 14 9.75 -31.90 18.11
CA LYS B 14 8.97 -32.91 18.81
C LYS B 14 7.65 -33.25 18.14
N PHE B 15 7.49 -33.01 16.82
CA PHE B 15 6.21 -33.21 16.15
C PHE B 15 6.42 -33.96 14.85
N GLU B 16 5.34 -34.62 14.37
CA GLU B 16 5.33 -35.26 13.06
C GLU B 16 3.95 -35.17 12.43
N PHE B 17 3.91 -35.41 11.11
CA PHE B 17 2.72 -35.38 10.29
C PHE B 17 2.96 -36.16 9.00
N SER B 18 1.87 -36.43 8.28
CA SER B 18 1.93 -37.05 6.96
C SER B 18 1.22 -36.16 5.93
N ARG B 19 1.79 -36.06 4.71
CA ARG B 19 1.23 -35.20 3.68
C ARG B 19 -0.03 -35.74 3.03
N LYS B 20 -0.56 -36.87 3.50
CA LYS B 20 -1.84 -37.36 3.03
C LYS B 20 -2.96 -36.66 3.79
N ASP B 21 -2.66 -36.22 5.03
CA ASP B 21 -3.64 -35.63 5.93
C ASP B 21 -3.72 -34.12 5.74
N LEU B 22 -3.88 -33.70 4.49
CA LEU B 22 -4.13 -32.31 4.17
C LEU B 22 -5.46 -31.92 4.80
N ILE B 23 -5.50 -30.78 5.51
CA ILE B 23 -6.73 -30.29 6.13
C ILE B 23 -7.06 -28.89 5.64
N GLY B 24 -6.15 -28.24 4.91
CA GLY B 24 -6.42 -26.92 4.37
C GLY B 24 -5.30 -26.49 3.42
N HIS B 25 -5.60 -25.56 2.51
CA HIS B 25 -4.58 -25.07 1.61
C HIS B 25 -5.00 -23.73 1.04
N GLY B 26 -4.03 -22.97 0.58
CA GLY B 26 -4.25 -21.75 -0.15
C GLY B 26 -3.04 -21.43 -1.02
N ALA B 27 -3.01 -20.24 -1.61
CA ALA B 27 -1.96 -19.93 -2.56
C ALA B 27 -0.59 -19.98 -1.89
N PHE B 28 -0.52 -19.61 -0.60
CA PHE B 28 0.75 -19.34 0.03
C PHE B 28 1.03 -20.31 1.17
N ALA B 29 0.22 -21.35 1.31
CA ALA B 29 0.45 -22.32 2.36
C ALA B 29 -0.40 -23.57 2.18
N VAL B 30 0.07 -24.63 2.83
CA VAL B 30 -0.57 -25.92 2.92
C VAL B 30 -0.50 -26.38 4.38
N VAL B 31 -1.55 -27.04 4.87
CA VAL B 31 -1.67 -27.39 6.26
C VAL B 31 -2.05 -28.86 6.39
N PHE B 32 -1.34 -29.59 7.27
CA PHE B 32 -1.55 -31.02 7.48
C PHE B 32 -1.82 -31.26 8.96
N LYS B 33 -2.66 -32.24 9.29
CA LYS B 33 -2.84 -32.65 10.66
C LYS B 33 -1.61 -33.42 11.12
N GLY B 34 -1.32 -33.40 12.40
CA GLY B 34 -0.14 -34.08 12.89
C GLY B 34 -0.25 -34.34 14.38
N ARG B 35 0.87 -34.75 14.98
CA ARG B 35 0.88 -35.07 16.39
C ARG B 35 2.27 -34.89 17.00
N HIS B 36 2.29 -34.62 18.32
CA HIS B 36 3.47 -34.72 19.16
C HIS B 36 3.96 -36.17 19.13
N ARG B 37 5.27 -36.38 18.98
CA ARG B 37 5.78 -37.73 18.70
C ARG B 37 5.77 -38.59 19.96
N GLU B 38 5.82 -37.94 21.13
CA GLU B 38 5.65 -38.60 22.42
C GLU B 38 4.15 -38.74 22.72
N LYS B 39 3.46 -37.62 23.00
CA LYS B 39 2.03 -37.63 23.26
C LYS B 39 1.26 -37.67 21.94
N HIS B 40 0.91 -38.87 21.47
CA HIS B 40 0.29 -39.05 20.15
C HIS B 40 -1.13 -38.46 20.09
N ASP B 41 -1.64 -38.03 21.24
CA ASP B 41 -3.01 -37.54 21.34
C ASP B 41 -3.02 -36.00 21.46
N LEU B 42 -1.86 -35.34 21.63
CA LEU B 42 -1.76 -33.91 21.37
C LEU B 42 -1.69 -33.71 19.86
N GLU B 43 -2.82 -33.36 19.25
CA GLU B 43 -2.87 -33.18 17.82
C GLU B 43 -2.39 -31.76 17.50
N VAL B 44 -1.94 -31.57 16.27
CA VAL B 44 -1.45 -30.26 15.86
C VAL B 44 -1.79 -30.10 14.39
N ALA B 45 -1.74 -28.83 13.95
CA ALA B 45 -1.80 -28.56 12.53
C ALA B 45 -0.47 -27.99 12.08
N VAL B 46 0.11 -28.58 11.03
CA VAL B 46 1.43 -28.20 10.60
C VAL B 46 1.31 -27.45 9.28
N LYS B 47 1.67 -26.18 9.32
CA LYS B 47 1.57 -25.35 8.15
C LYS B 47 2.92 -25.25 7.46
N CYS B 48 2.92 -25.37 6.12
CA CYS B 48 4.09 -25.54 5.28
C CYS B 48 3.99 -24.67 4.03
N ILE B 49 5.14 -24.49 3.39
CA ILE B 49 5.28 -23.78 2.13
C ILE B 49 4.36 -24.41 1.08
N ASN B 50 3.76 -23.55 0.25
CA ASN B 50 3.14 -23.98 -0.98
C ASN B 50 4.14 -23.74 -2.10
N LYS B 51 4.61 -24.82 -2.73
CA LYS B 51 5.73 -24.76 -3.68
C LYS B 51 5.34 -24.04 -4.97
N LYS B 52 4.05 -24.05 -5.31
CA LYS B 52 3.54 -23.36 -6.48
C LYS B 52 3.79 -21.85 -6.34
N ASN B 53 3.99 -21.34 -5.12
CA ASN B 53 4.38 -19.95 -4.92
C ASN B 53 5.49 -19.87 -3.89
N LEU B 54 6.65 -20.45 -4.21
CA LEU B 54 7.63 -20.73 -3.17
C LEU B 54 8.03 -19.46 -2.44
N ALA B 55 8.45 -18.44 -3.18
CA ALA B 55 9.16 -17.33 -2.56
C ALA B 55 8.20 -16.54 -1.67
N LYS B 56 6.98 -16.35 -2.18
CA LYS B 56 5.98 -15.58 -1.47
C LYS B 56 5.53 -16.37 -0.23
N SER B 57 5.28 -17.69 -0.41
CA SER B 57 4.85 -18.57 0.65
C SER B 57 5.84 -18.50 1.81
N GLN B 58 7.11 -18.65 1.46
CA GLN B 58 8.20 -18.61 2.44
C GLN B 58 8.20 -17.27 3.19
N THR B 59 8.00 -16.17 2.46
CA THR B 59 8.01 -14.86 3.09
C THR B 59 6.86 -14.75 4.10
N LEU B 60 5.66 -15.17 3.68
CA LEU B 60 4.48 -15.00 4.49
C LEU B 60 4.56 -15.90 5.73
N LEU B 61 5.06 -17.14 5.57
CA LEU B 61 5.13 -18.05 6.70
C LEU B 61 6.09 -17.48 7.72
N GLY B 62 7.15 -16.81 7.27
CA GLY B 62 8.05 -16.16 8.20
C GLY B 62 7.41 -14.95 8.91
N LYS B 63 6.58 -14.19 8.20
CA LYS B 63 5.91 -13.05 8.84
C LYS B 63 4.91 -13.55 9.88
N GLU B 64 4.25 -14.67 9.60
CA GLU B 64 3.24 -15.19 10.50
C GLU B 64 3.87 -15.64 11.82
N ILE B 65 5.04 -16.31 11.72
CA ILE B 65 5.77 -16.73 12.90
C ILE B 65 6.01 -15.48 13.76
N LYS B 66 6.46 -14.38 13.13
CA LYS B 66 6.84 -13.20 13.88
C LYS B 66 5.65 -12.64 14.64
N ILE B 67 4.47 -12.66 14.03
CA ILE B 67 3.27 -12.12 14.68
C ILE B 67 2.76 -13.10 15.73
N LEU B 68 2.62 -14.36 15.35
CA LEU B 68 1.94 -15.34 16.20
C LEU B 68 2.72 -15.67 17.45
N LYS B 69 4.05 -15.60 17.40
CA LYS B 69 4.79 -15.88 18.61
C LYS B 69 4.52 -14.83 19.69
N GLU B 70 3.91 -13.68 19.37
CA GLU B 70 3.60 -12.66 20.36
C GLU B 70 2.15 -12.67 20.84
N LEU B 71 1.35 -13.63 20.36
CA LEU B 71 -0.09 -13.61 20.63
C LEU B 71 -0.45 -14.89 21.38
N LYS B 72 -0.73 -14.80 22.66
CA LYS B 72 -1.18 -15.96 23.43
C LYS B 72 -2.56 -15.68 23.97
N HIS B 73 -3.55 -16.45 23.47
CA HIS B 73 -4.93 -16.16 23.79
C HIS B 73 -5.78 -17.38 23.43
N GLU B 74 -6.73 -17.65 24.32
CA GLU B 74 -7.70 -18.73 24.21
C GLU B 74 -8.46 -18.69 22.88
N ASN B 75 -8.64 -17.50 22.30
CA ASN B 75 -9.40 -17.37 21.05
C ASN B 75 -8.52 -17.02 19.85
N ILE B 76 -7.21 -17.33 19.93
CA ILE B 76 -6.29 -17.27 18.81
C ILE B 76 -5.57 -18.60 18.71
N VAL B 77 -5.52 -19.20 17.51
CA VAL B 77 -4.87 -20.49 17.36
CA VAL B 77 -4.88 -20.48 17.35
C VAL B 77 -3.43 -20.34 17.84
N ALA B 78 -3.03 -21.24 18.76
CA ALA B 78 -1.73 -21.16 19.40
C ALA B 78 -0.63 -21.65 18.46
N LEU B 79 0.54 -21.00 18.58
CA LEU B 79 1.75 -21.46 17.90
C LEU B 79 2.56 -22.24 18.93
N TYR B 80 2.61 -23.56 18.78
CA TYR B 80 3.33 -24.42 19.71
C TYR B 80 4.84 -24.37 19.45
N ASP B 81 5.21 -24.45 18.18
CA ASP B 81 6.61 -24.37 17.79
C ASP B 81 6.62 -23.98 16.32
N PHE B 82 7.84 -23.84 15.78
CA PHE B 82 8.07 -23.49 14.40
C PHE B 82 9.51 -23.83 14.06
N GLN B 83 9.81 -23.91 12.77
CA GLN B 83 11.16 -24.12 12.32
C GLN B 83 11.39 -23.35 11.03
N GLU B 84 12.27 -22.36 11.10
CA GLU B 84 12.59 -21.59 9.91
C GLU B 84 14.07 -21.81 9.56
N MET B 85 14.29 -22.09 8.29
CA MET B 85 15.58 -22.39 7.70
C MET B 85 15.66 -21.63 6.40
N ALA B 86 16.81 -21.69 5.74
CA ALA B 86 16.92 -20.96 4.49
C ALA B 86 15.96 -21.46 3.43
N ASN B 87 15.66 -22.77 3.39
CA ASN B 87 14.88 -23.31 2.27
C ASN B 87 13.58 -23.95 2.71
N SER B 88 13.17 -23.79 3.98
CA SER B 88 11.98 -24.45 4.45
C SER B 88 11.49 -23.72 5.69
N VAL B 89 10.17 -23.74 5.88
CA VAL B 89 9.52 -23.09 7.01
CA VAL B 89 9.57 -23.14 7.05
C VAL B 89 8.29 -23.91 7.40
N TYR B 90 8.11 -24.12 8.70
CA TYR B 90 7.02 -24.88 9.25
C TYR B 90 6.50 -24.13 10.44
N LEU B 91 5.17 -24.10 10.58
CA LEU B 91 4.57 -23.65 11.82
C LEU B 91 3.79 -24.81 12.39
N VAL B 92 3.99 -25.07 13.69
CA VAL B 92 3.28 -26.12 14.39
C VAL B 92 2.25 -25.44 15.29
N MET B 93 0.98 -25.63 14.88
CA MET B 93 -0.06 -24.91 15.58
CA MET B 93 -0.17 -24.90 15.41
C MET B 93 -1.11 -25.85 16.17
N GLU B 94 -1.88 -25.28 17.11
CA GLU B 94 -3.06 -25.89 17.70
C GLU B 94 -3.98 -26.44 16.61
N TYR B 95 -4.44 -27.68 16.81
CA TYR B 95 -5.37 -28.33 15.91
C TYR B 95 -6.80 -28.03 16.38
N CYS B 96 -7.66 -27.54 15.49
CA CYS B 96 -9.00 -27.21 15.93
C CYS B 96 -9.95 -28.28 15.37
N ASN B 97 -10.55 -29.04 16.27
CA ASN B 97 -11.21 -30.26 15.83
C ASN B 97 -12.59 -30.04 15.23
N GLY B 98 -13.14 -28.82 15.30
CA GLY B 98 -14.44 -28.51 14.72
C GLY B 98 -14.42 -27.94 13.29
N GLY B 99 -13.25 -27.83 12.66
CA GLY B 99 -13.15 -27.26 11.32
C GLY B 99 -13.41 -25.75 11.36
N ASP B 100 -13.81 -25.19 10.23
CA ASP B 100 -13.96 -23.75 10.11
C ASP B 100 -15.41 -23.31 10.22
N LEU B 101 -15.59 -22.00 10.37
CA LEU B 101 -16.95 -21.46 10.51
C LEU B 101 -17.69 -21.57 9.20
N ALA B 102 -16.97 -21.42 8.08
CA ALA B 102 -17.53 -21.54 6.74
C ALA B 102 -18.33 -22.86 6.60
N ASP B 103 -17.77 -23.97 7.05
CA ASP B 103 -18.45 -25.25 6.89
C ASP B 103 -19.57 -25.39 7.91
N TYR B 104 -19.39 -24.81 9.10
CA TYR B 104 -20.42 -24.82 10.11
C TYR B 104 -21.64 -24.01 9.66
N LEU B 105 -21.43 -22.85 9.03
CA LEU B 105 -22.52 -22.08 8.45
CA LEU B 105 -22.54 -22.09 8.48
C LEU B 105 -23.18 -22.86 7.32
N HIS B 106 -22.37 -23.51 6.53
CA HIS B 106 -22.89 -24.29 5.41
C HIS B 106 -23.87 -25.36 5.91
N ALA B 107 -23.54 -26.02 7.03
CA ALA B 107 -24.41 -27.02 7.64
C ALA B 107 -25.66 -26.37 8.26
N MET B 108 -25.48 -25.30 9.04
CA MET B 108 -26.55 -24.74 9.86
C MET B 108 -27.49 -23.84 9.05
N ARG B 109 -26.97 -23.31 7.93
CA ARG B 109 -27.53 -22.32 7.03
C ARG B 109 -27.55 -20.90 7.63
N THR B 110 -28.03 -20.78 8.86
CA THR B 110 -28.03 -19.54 9.62
C THR B 110 -27.81 -19.89 11.05
N LEU B 111 -27.33 -18.92 11.84
CA LEU B 111 -27.20 -19.08 13.26
C LEU B 111 -28.17 -18.18 14.04
N SER B 112 -28.56 -18.67 15.21
CA SER B 112 -29.37 -17.90 16.15
C SER B 112 -28.60 -16.67 16.64
N GLU B 113 -29.32 -15.61 17.02
CA GLU B 113 -28.66 -14.48 17.67
C GLU B 113 -27.89 -14.93 18.89
N ASP B 114 -28.42 -15.88 19.69
CA ASP B 114 -27.72 -16.33 20.88
C ASP B 114 -26.37 -16.96 20.51
N THR B 115 -26.32 -17.79 19.47
CA THR B 115 -25.08 -18.40 19.02
C THR B 115 -24.12 -17.33 18.47
N ILE B 116 -24.64 -16.41 17.66
CA ILE B 116 -23.86 -15.29 17.13
C ILE B 116 -23.22 -14.54 18.29
N ARG B 117 -23.99 -14.29 19.37
CA ARG B 117 -23.42 -13.58 20.52
C ARG B 117 -22.29 -14.38 21.14
N LEU B 118 -22.47 -15.70 21.34
CA LEU B 118 -21.43 -16.46 22.01
C LEU B 118 -20.15 -16.47 21.16
N PHE B 119 -20.32 -16.55 19.84
CA PHE B 119 -19.14 -16.56 18.97
C PHE B 119 -18.48 -15.19 18.93
N LEU B 120 -19.28 -14.14 18.82
CA LEU B 120 -18.77 -12.78 18.71
C LEU B 120 -18.07 -12.32 20.00
N GLN B 121 -18.59 -12.70 21.18
CA GLN B 121 -17.90 -12.47 22.44
C GLN B 121 -16.46 -12.95 22.36
N GLN B 122 -16.26 -14.14 21.77
CA GLN B 122 -14.94 -14.77 21.69
C GLN B 122 -14.05 -14.09 20.63
N ILE B 123 -14.64 -13.70 19.47
CA ILE B 123 -13.90 -12.95 18.48
C ILE B 123 -13.48 -11.59 19.04
N ALA B 124 -14.37 -10.94 19.79
CA ALA B 124 -14.08 -9.66 20.42
C ALA B 124 -12.92 -9.77 21.40
N GLY B 125 -12.93 -10.85 22.22
CA GLY B 125 -11.83 -11.17 23.11
C GLY B 125 -10.47 -11.18 22.39
N ALA B 126 -10.36 -11.98 21.30
CA ALA B 126 -9.17 -12.02 20.46
C ALA B 126 -8.81 -10.64 19.90
N MET B 127 -9.79 -9.90 19.38
CA MET B 127 -9.53 -8.59 18.79
C MET B 127 -9.04 -7.59 19.85
N ARG B 128 -9.50 -7.72 21.11
CA ARG B 128 -8.99 -6.85 22.16
C ARG B 128 -7.48 -7.02 22.33
N LEU B 129 -6.98 -8.27 22.27
CA LEU B 129 -5.54 -8.50 22.30
C LEU B 129 -4.85 -7.95 21.04
N LEU B 130 -5.37 -8.20 19.84
CA LEU B 130 -4.75 -7.66 18.62
C LEU B 130 -4.64 -6.15 18.69
N HIS B 131 -5.74 -5.52 19.08
CA HIS B 131 -5.80 -4.06 19.19
C HIS B 131 -4.82 -3.52 20.24
N SER B 132 -4.70 -4.18 21.39
CA SER B 132 -3.77 -3.70 22.42
C SER B 132 -2.32 -3.88 21.95
N LYS B 133 -2.02 -4.88 21.14
CA LYS B 133 -0.70 -5.11 20.58
C LYS B 133 -0.40 -4.28 19.33
N GLY B 134 -1.39 -3.58 18.78
CA GLY B 134 -1.22 -2.78 17.57
C GLY B 134 -1.08 -3.61 16.31
N ILE B 135 -1.76 -4.77 16.28
CA ILE B 135 -1.76 -5.69 15.13
C ILE B 135 -3.11 -5.67 14.43
N ILE B 136 -3.09 -5.57 13.09
CA ILE B 136 -4.27 -5.78 12.28
C ILE B 136 -4.13 -7.10 11.51
N HIS B 137 -5.23 -7.87 11.36
CA HIS B 137 -5.19 -9.23 10.86
C HIS B 137 -5.26 -9.23 9.33
N ARG B 138 -6.26 -8.53 8.77
CA ARG B 138 -6.39 -8.27 7.35
C ARG B 138 -6.92 -9.45 6.51
N ASP B 139 -7.30 -10.55 7.12
CA ASP B 139 -7.86 -11.64 6.32
C ASP B 139 -8.97 -12.36 7.09
N LEU B 140 -9.82 -11.59 7.78
CA LEU B 140 -10.89 -12.17 8.57
C LEU B 140 -12.02 -12.57 7.62
N LYS B 141 -12.38 -13.84 7.71
CA LYS B 141 -13.43 -14.47 6.92
C LYS B 141 -13.78 -15.79 7.60
N PRO B 142 -14.96 -16.41 7.29
CA PRO B 142 -15.37 -17.58 8.03
C PRO B 142 -14.37 -18.72 7.86
N GLN B 143 -13.63 -18.77 6.73
CA GLN B 143 -12.62 -19.81 6.53
C GLN B 143 -11.46 -19.69 7.55
N ASN B 144 -11.25 -18.50 8.14
CA ASN B 144 -10.13 -18.27 9.05
C ASN B 144 -10.59 -18.16 10.50
N ILE B 145 -11.86 -18.51 10.77
CA ILE B 145 -12.38 -18.61 12.11
C ILE B 145 -12.60 -20.11 12.36
N LEU B 146 -11.87 -20.69 13.29
CA LEU B 146 -11.93 -22.14 13.53
C LEU B 146 -12.69 -22.45 14.81
N LEU B 147 -13.24 -23.68 14.85
CA LEU B 147 -14.04 -24.14 15.98
CA LEU B 147 -14.05 -24.14 15.98
C LEU B 147 -13.36 -25.31 16.66
N SER B 148 -13.46 -25.34 17.97
CA SER B 148 -12.86 -26.38 18.78
C SER B 148 -13.92 -26.84 19.77
N ASN B 149 -14.15 -28.18 19.84
CA ASN B 149 -15.17 -28.81 20.69
C ASN B 149 -14.59 -29.54 21.90
N PRO B 150 -15.34 -29.62 23.02
CA PRO B 150 -14.77 -29.98 24.33
C PRO B 150 -14.01 -31.32 24.37
N ALA B 155 -21.24 -31.60 22.34
CA ALA B 155 -20.87 -30.64 21.27
C ALA B 155 -22.09 -29.81 20.83
N ASN B 156 -22.31 -28.68 21.52
CA ASN B 156 -23.39 -27.74 21.20
C ASN B 156 -22.87 -26.32 21.34
N PRO B 157 -23.55 -25.28 20.78
CA PRO B 157 -23.01 -23.92 20.71
C PRO B 157 -22.38 -23.34 21.98
N ASN B 158 -22.88 -23.69 23.17
CA ASN B 158 -22.33 -23.12 24.40
C ASN B 158 -20.96 -23.69 24.75
N SER B 159 -20.64 -24.85 24.19
CA SER B 159 -19.35 -25.44 24.46
C SER B 159 -18.34 -25.12 23.33
N ILE B 160 -18.77 -24.59 22.16
CA ILE B 160 -17.89 -24.41 21.02
C ILE B 160 -16.95 -23.23 21.35
N ARG B 161 -15.64 -23.45 21.16
CA ARG B 161 -14.63 -22.39 21.28
C ARG B 161 -14.25 -21.94 19.90
N VAL B 162 -14.26 -20.63 19.64
N VAL B 162 -14.11 -20.62 19.76
CA VAL B 162 -13.86 -20.12 18.34
CA VAL B 162 -13.88 -19.96 18.49
C VAL B 162 -12.50 -19.44 18.48
C VAL B 162 -12.46 -19.41 18.51
N LYS B 163 -11.67 -19.67 17.45
CA LYS B 163 -10.29 -19.19 17.40
C LYS B 163 -9.98 -18.57 16.05
N ILE B 164 -9.36 -17.39 16.07
CA ILE B 164 -8.92 -16.72 14.86
C ILE B 164 -7.63 -17.38 14.39
N ALA B 165 -7.54 -17.67 13.09
CA ALA B 165 -6.37 -18.27 12.51
C ALA B 165 -5.89 -17.47 11.30
N ASP B 166 -4.74 -17.91 10.72
CA ASP B 166 -4.16 -17.45 9.47
C ASP B 166 -3.75 -15.98 9.57
N PHE B 167 -2.57 -15.77 10.16
CA PHE B 167 -2.04 -14.43 10.37
C PHE B 167 -1.01 -14.06 9.32
N GLY B 168 -1.09 -14.68 8.14
CA GLY B 168 -0.09 -14.51 7.12
C GLY B 168 -0.08 -13.11 6.48
N PHE B 169 -1.22 -12.39 6.55
CA PHE B 169 -1.31 -11.05 6.03
CA PHE B 169 -1.34 -11.04 6.02
C PHE B 169 -1.25 -9.99 7.14
N ALA B 170 -1.13 -10.42 8.38
CA ALA B 170 -1.24 -9.53 9.52
C ALA B 170 0.00 -8.62 9.61
N ARG B 171 -0.19 -7.44 10.17
CA ARG B 171 0.96 -6.55 10.38
C ARG B 171 0.75 -5.68 11.62
N TYR B 172 1.89 -5.17 12.15
CA TYR B 172 1.87 -4.10 13.13
C TYR B 172 1.51 -2.83 12.40
N LEU B 173 0.61 -2.05 12.98
CA LEU B 173 0.30 -0.74 12.45
C LEU B 173 0.33 0.23 13.63
N GLN B 174 1.24 1.18 13.54
CA GLN B 174 1.40 2.17 14.61
C GLN B 174 0.13 3.00 14.66
N SER B 175 -0.28 3.38 15.88
CA SER B 175 -1.60 3.94 16.11
C SER B 175 -1.81 5.24 15.33
N ASN B 176 -0.77 5.99 14.96
CA ASN B 176 -1.02 7.20 14.19
C ASN B 176 -0.80 6.98 12.69
N MET B 177 -0.66 5.73 12.25
CA MET B 177 -0.31 5.45 10.86
CA MET B 177 -0.32 5.46 10.86
C MET B 177 -1.50 4.76 10.18
N MET B 178 -1.44 4.69 8.84
CA MET B 178 -2.40 3.99 7.99
CA MET B 178 -2.39 3.95 8.03
C MET B 178 -1.65 2.94 7.16
N ALA B 179 -2.32 1.81 6.88
CA ALA B 179 -1.81 0.80 5.97
C ALA B 179 -2.37 1.03 4.58
N ALA B 180 -1.69 0.47 3.57
CA ALA B 180 -2.19 0.65 2.21
C ALA B 180 -2.06 -0.60 1.36
N LEU B 182 -2.91 -3.76 -0.60
CA LEU B 182 -4.10 -4.48 -1.03
C LEU B 182 -3.89 -5.96 -0.72
N CYS B 183 -4.60 -6.47 0.28
CA CYS B 183 -4.58 -7.90 0.57
C CYS B 183 -5.88 -8.26 1.27
N GLY B 184 -6.15 -9.57 1.42
CA GLY B 184 -7.38 -10.05 2.03
C GLY B 184 -8.32 -10.67 1.00
N SER B 185 -9.55 -10.98 1.39
CA SER B 185 -10.49 -11.65 0.50
C SER B 185 -11.59 -10.65 0.13
N PRO B 186 -11.75 -10.35 -1.17
CA PRO B 186 -12.61 -9.24 -1.61
C PRO B 186 -14.01 -9.18 -1.03
N MET B 187 -14.66 -10.34 -0.88
CA MET B 187 -16.00 -10.40 -0.35
C MET B 187 -16.02 -9.84 1.09
N TYR B 188 -14.87 -9.86 1.82
CA TYR B 188 -14.80 -9.47 3.22
C TYR B 188 -13.99 -8.17 3.45
N MET B 189 -13.49 -7.56 2.38
CA MET B 189 -12.64 -6.37 2.46
C MET B 189 -13.50 -5.16 2.73
N ALA B 190 -13.06 -4.30 3.65
CA ALA B 190 -13.69 -3.00 3.80
C ALA B 190 -13.62 -2.22 2.50
N PRO B 191 -14.59 -1.31 2.26
CA PRO B 191 -14.55 -0.51 1.05
C PRO B 191 -13.25 0.30 0.85
N GLU B 192 -12.67 0.86 1.92
CA GLU B 192 -11.40 1.56 1.76
C GLU B 192 -10.29 0.63 1.27
N VAL B 193 -10.32 -0.64 1.67
CA VAL B 193 -9.27 -1.56 1.23
C VAL B 193 -9.44 -1.86 -0.26
N ILE B 194 -10.64 -2.26 -0.67
CA ILE B 194 -10.80 -2.71 -2.05
C ILE B 194 -10.67 -1.55 -3.03
N MET B 195 -10.92 -0.31 -2.59
CA MET B 195 -10.75 0.88 -3.41
C MET B 195 -9.32 1.45 -3.38
N SER B 196 -8.35 0.67 -2.87
CA SER B 196 -6.93 1.02 -2.86
C SER B 196 -6.65 2.31 -2.06
N GLN B 197 -7.42 2.53 -1.01
CA GLN B 197 -7.21 3.68 -0.16
C GLN B 197 -6.45 3.23 1.10
N HIS B 198 -6.07 4.20 1.93
CA HIS B 198 -5.47 3.91 3.22
C HIS B 198 -6.53 3.34 4.17
N TYR B 199 -6.08 2.54 5.14
CA TYR B 199 -6.99 1.98 6.10
C TYR B 199 -6.25 1.74 7.41
N ASP B 200 -7.02 1.39 8.43
CA ASP B 200 -6.49 1.09 9.76
C ASP B 200 -7.25 -0.09 10.34
N GLY B 201 -7.27 -0.21 11.67
CA GLY B 201 -7.77 -1.40 12.30
C GLY B 201 -9.29 -1.50 12.15
N LYS B 202 -9.96 -0.41 11.74
CA LYS B 202 -11.39 -0.49 11.53
C LYS B 202 -11.75 -1.31 10.27
N ALA B 203 -10.78 -1.55 9.39
CA ALA B 203 -11.06 -2.46 8.27
C ALA B 203 -11.40 -3.87 8.77
N ASP B 204 -10.69 -4.36 9.78
CA ASP B 204 -11.03 -5.67 10.34
C ASP B 204 -12.45 -5.67 10.95
N LEU B 205 -12.88 -4.51 11.49
CA LEU B 205 -14.23 -4.45 12.06
C LEU B 205 -15.31 -4.55 10.98
N TRP B 206 -15.04 -4.04 9.80
CA TRP B 206 -15.95 -4.24 8.66
C TRP B 206 -16.06 -5.73 8.34
N SER B 207 -14.93 -6.40 8.31
CA SER B 207 -14.91 -7.83 7.98
C SER B 207 -15.71 -8.59 9.03
N ILE B 208 -15.57 -8.18 10.29
CA ILE B 208 -16.31 -8.86 11.35
C ILE B 208 -17.81 -8.64 11.13
N GLY B 209 -18.18 -7.42 10.81
CA GLY B 209 -19.58 -7.11 10.55
C GLY B 209 -20.17 -7.93 9.40
N THR B 210 -19.38 -8.11 8.34
CA THR B 210 -19.75 -8.95 7.23
CA THR B 210 -19.81 -8.94 7.23
C THR B 210 -20.01 -10.38 7.71
N ILE B 211 -19.09 -10.92 8.51
CA ILE B 211 -19.20 -12.28 9.03
C ILE B 211 -20.47 -12.45 9.86
N VAL B 212 -20.72 -11.51 10.76
CA VAL B 212 -21.91 -11.54 11.60
C VAL B 212 -23.18 -11.50 10.75
N TYR B 213 -23.22 -10.63 9.74
CA TYR B 213 -24.38 -10.50 8.90
C TYR B 213 -24.62 -11.82 8.17
N GLN B 214 -23.53 -12.44 7.71
CA GLN B 214 -23.58 -13.70 7.00
C GLN B 214 -24.11 -14.82 7.89
N CYS B 215 -23.68 -14.86 9.16
CA CYS B 215 -24.17 -15.82 10.12
C CYS B 215 -25.68 -15.66 10.28
N LEU B 216 -26.13 -14.39 10.28
CA LEU B 216 -27.53 -14.14 10.58
C LEU B 216 -28.43 -14.47 9.37
N THR B 217 -27.97 -14.13 8.16
CA THR B 217 -28.82 -14.12 6.98
C THR B 217 -28.54 -15.25 5.99
N GLY B 218 -27.36 -15.84 6.07
CA GLY B 218 -26.87 -16.80 5.10
C GLY B 218 -25.99 -16.23 3.99
N LYS B 219 -25.93 -14.89 3.83
CA LYS B 219 -25.31 -14.25 2.68
C LYS B 219 -24.49 -13.03 3.15
N ALA B 220 -23.44 -12.64 2.42
CA ALA B 220 -22.76 -11.39 2.72
C ALA B 220 -23.69 -10.21 2.41
N PRO B 221 -23.55 -9.07 3.08
CA PRO B 221 -24.50 -7.97 2.90
C PRO B 221 -24.51 -7.31 1.52
N PHE B 222 -23.35 -7.28 0.86
CA PHE B 222 -23.22 -6.59 -0.41
C PHE B 222 -22.52 -7.55 -1.38
N GLN B 223 -23.27 -8.08 -2.35
CA GLN B 223 -22.82 -9.18 -3.20
C GLN B 223 -22.52 -8.65 -4.60
N ALA B 224 -21.56 -9.28 -5.27
CA ALA B 224 -21.24 -8.92 -6.63
C ALA B 224 -20.69 -10.15 -7.34
N SER B 225 -20.56 -10.06 -8.67
CA SER B 225 -20.19 -11.21 -9.49
C SER B 225 -18.67 -11.34 -9.55
N SER B 226 -17.97 -10.26 -9.22
CA SER B 226 -16.52 -10.29 -9.16
C SER B 226 -16.01 -9.23 -8.18
N PRO B 227 -14.73 -9.27 -7.79
CA PRO B 227 -14.08 -8.16 -7.08
C PRO B 227 -14.28 -6.78 -7.74
N GLN B 228 -14.11 -6.73 -9.06
CA GLN B 228 -14.20 -5.45 -9.77
C GLN B 228 -15.62 -4.91 -9.66
N ASP B 229 -16.62 -5.80 -9.81
CA ASP B 229 -18.00 -5.34 -9.63
C ASP B 229 -18.22 -4.81 -8.21
N LEU B 230 -17.72 -5.54 -7.20
CA LEU B 230 -17.86 -5.10 -5.81
C LEU B 230 -17.20 -3.72 -5.60
N ARG B 231 -15.99 -3.55 -6.13
CA ARG B 231 -15.29 -2.27 -6.09
C ARG B 231 -16.13 -1.17 -6.75
N LEU B 232 -16.59 -1.42 -7.97
CA LEU B 232 -17.42 -0.44 -8.65
C LEU B 232 -18.69 -0.15 -7.86
N PHE B 233 -19.29 -1.17 -7.23
CA PHE B 233 -20.45 -0.92 -6.39
C PHE B 233 -20.13 0.07 -5.26
N TYR B 234 -19.02 -0.17 -4.55
CA TYR B 234 -18.65 0.68 -3.43
C TYR B 234 -18.27 2.08 -3.91
N GLU B 235 -17.67 2.20 -5.10
CA GLU B 235 -17.36 3.52 -5.63
C GLU B 235 -18.65 4.30 -5.87
N LYS B 236 -19.66 3.65 -6.44
CA LYS B 236 -20.86 4.36 -6.87
C LYS B 236 -21.76 4.70 -5.69
N ASN B 237 -21.74 3.88 -4.63
CA ASN B 237 -22.69 4.07 -3.55
C ASN B 237 -21.99 4.72 -2.36
N LYS B 238 -22.23 6.01 -2.18
CA LYS B 238 -21.51 6.76 -1.17
C LYS B 238 -22.17 6.53 0.17
N THR B 239 -23.39 5.97 0.15
CA THR B 239 -24.01 5.41 1.33
C THR B 239 -24.25 3.92 1.09
N LEU B 240 -24.12 3.12 2.15
CA LEU B 240 -24.41 1.71 2.08
C LEU B 240 -25.25 1.40 3.28
N VAL B 241 -26.40 0.81 3.03
CA VAL B 241 -27.24 0.35 4.12
C VAL B 241 -27.50 -1.12 3.86
N PRO B 242 -27.03 -2.02 4.75
CA PRO B 242 -27.26 -3.45 4.55
C PRO B 242 -28.72 -3.72 4.91
N THR B 243 -29.35 -4.69 4.25
CA THR B 243 -30.73 -5.04 4.55
C THR B 243 -30.78 -6.02 5.71
N ILE B 244 -31.29 -5.53 6.84
CA ILE B 244 -31.28 -6.31 8.05
C ILE B 244 -32.69 -6.86 8.26
N PRO B 245 -32.88 -8.17 8.48
CA PRO B 245 -34.22 -8.70 8.75
C PRO B 245 -34.95 -7.95 9.87
N ALA B 246 -36.28 -7.82 9.69
CA ALA B 246 -37.13 -7.07 10.61
C ALA B 246 -37.13 -7.70 12.00
N ALA B 247 -36.97 -9.02 12.11
CA ALA B 247 -37.01 -9.71 13.38
C ALA B 247 -35.76 -9.49 14.23
N THR B 248 -34.70 -8.95 13.65
CA THR B 248 -33.42 -8.86 14.35
C THR B 248 -33.58 -8.03 15.62
N SER B 249 -33.01 -8.46 16.74
CA SER B 249 -33.04 -7.69 17.96
C SER B 249 -32.47 -6.28 17.69
N ALA B 250 -32.88 -5.27 18.49
CA ALA B 250 -32.45 -3.90 18.26
C ALA B 250 -30.93 -3.77 18.50
N PRO B 251 -30.35 -4.36 19.55
CA PRO B 251 -28.88 -4.35 19.75
C PRO B 251 -28.06 -4.95 18.58
N LEU B 252 -28.53 -6.06 17.97
CA LEU B 252 -27.82 -6.64 16.85
C LEU B 252 -27.98 -5.76 15.63
N ARG B 253 -29.16 -5.16 15.41
CA ARG B 253 -29.35 -4.27 14.30
CA ARG B 253 -29.31 -4.28 14.25
C ARG B 253 -28.36 -3.08 14.41
N GLN B 254 -28.28 -2.54 15.61
CA GLN B 254 -27.47 -1.33 15.85
C GLN B 254 -25.99 -1.66 15.63
N LEU B 255 -25.58 -2.82 16.14
CA LEU B 255 -24.21 -3.29 15.97
C LEU B 255 -23.85 -3.45 14.49
N LEU B 256 -24.72 -4.07 13.69
CA LEU B 256 -24.43 -4.32 12.29
C LEU B 256 -24.36 -3.03 11.49
N LEU B 257 -25.29 -2.09 11.77
CA LEU B 257 -25.32 -0.83 11.07
C LEU B 257 -24.04 -0.02 11.36
N ALA B 258 -23.52 -0.12 12.55
CA ALA B 258 -22.33 0.63 12.93
C ALA B 258 -21.03 -0.05 12.40
N LEU B 259 -20.97 -1.40 12.37
CA LEU B 259 -19.84 -2.08 11.74
C LEU B 259 -19.82 -1.93 10.22
N LEU B 260 -20.98 -1.90 9.54
CA LEU B 260 -21.02 -1.88 8.10
C LEU B 260 -21.25 -0.46 7.60
N GLN B 261 -20.60 0.50 8.26
CA GLN B 261 -20.52 1.85 7.71
C GLN B 261 -19.50 1.89 6.59
N ARG B 262 -19.89 2.47 5.47
CA ARG B 262 -19.06 2.51 4.30
C ARG B 262 -17.76 3.28 4.59
N ASN B 263 -17.88 4.46 5.21
CA ASN B 263 -16.71 5.31 5.44
C ASN B 263 -16.16 5.00 6.80
N HIS B 264 -14.83 4.76 6.88
CA HIS B 264 -14.24 4.25 8.10
C HIS B 264 -14.33 5.27 9.22
N LYS B 265 -14.32 6.56 8.89
CA LYS B 265 -14.46 7.57 9.93
C LYS B 265 -15.80 7.43 10.66
N ASP B 266 -16.87 6.98 10.00
CA ASP B 266 -18.16 6.81 10.64
C ASP B 266 -18.33 5.43 11.30
N ARG B 267 -17.38 4.51 11.07
CA ARG B 267 -17.56 3.13 11.49
C ARG B 267 -17.27 3.04 12.96
N MET B 268 -17.97 2.11 13.61
CA MET B 268 -17.71 1.72 14.98
C MET B 268 -16.19 1.58 15.24
N ASP B 269 -15.74 2.07 16.39
CA ASP B 269 -14.35 1.91 16.79
C ASP B 269 -14.26 0.80 17.82
N PHE B 270 -13.02 0.42 18.19
CA PHE B 270 -12.80 -0.77 18.99
C PHE B 270 -13.49 -0.68 20.34
N ASP B 271 -13.42 0.50 20.99
CA ASP B 271 -13.93 0.58 22.34
C ASP B 271 -15.46 0.38 22.33
N GLU B 272 -16.14 0.96 21.33
CA GLU B 272 -17.57 0.79 21.17
C GLU B 272 -17.90 -0.67 20.90
N PHE B 273 -17.05 -1.34 20.10
CA PHE B 273 -17.25 -2.74 19.78
C PHE B 273 -17.15 -3.59 21.02
N PHE B 274 -16.07 -3.44 21.78
CA PHE B 274 -15.83 -4.36 22.88
C PHE B 274 -16.88 -4.19 23.99
N HIS B 275 -17.52 -3.02 24.07
CA HIS B 275 -18.50 -2.76 25.11
C HIS B 275 -19.93 -2.74 24.54
N HIS B 276 -20.16 -3.26 23.31
CA HIS B 276 -21.46 -3.05 22.67
C HIS B 276 -22.51 -3.84 23.46
N PRO B 277 -23.70 -3.28 23.71
CA PRO B 277 -24.76 -4.02 24.42
C PRO B 277 -25.11 -5.41 23.85
N PHE B 278 -24.95 -5.64 22.54
CA PHE B 278 -25.22 -6.96 21.98
C PHE B 278 -24.38 -8.01 22.69
N LEU B 279 -23.14 -7.65 23.09
CA LEU B 279 -22.26 -8.63 23.68
C LEU B 279 -22.55 -8.91 25.15
N ASP B 280 -23.38 -8.12 25.82
CA ASP B 280 -23.72 -8.41 27.21
C ASP B 280 -24.32 -9.82 27.38
N ALA B 281 -23.67 -10.63 28.22
CA ALA B 281 -24.16 -11.95 28.62
C ALA B 281 -25.18 -11.79 29.76
#